data_5E2M
#
_entry.id   5E2M
#
_cell.length_a   63.264
_cell.length_b   71.710
_cell.length_c   119.722
_cell.angle_alpha   90.000
_cell.angle_beta   90.000
_cell.angle_gamma   90.000
#
_symmetry.space_group_name_H-M   'P 21 21 21'
#
loop_
_entity.id
_entity.type
_entity.pdbx_description
1 polymer 'Carbonic anhydrase 1'
2 non-polymer 'ZINC ION'
3 non-polymer 3-(cyclooctylamino)-2,5,6-trifluoro-4-[(2-hydroxyethyl)sulfonyl]benzenesulfonamide
4 non-polymer 'ACETATE ION'
5 non-polymer DI(HYDROXYETHYL)ETHER
6 water water
#
_entity_poly.entity_id   1
_entity_poly.type   'polypeptide(L)'
_entity_poly.pdbx_seq_one_letter_code
;MSPDWGYDDKNGPEQWSKLYPIANGNNQSPVDIKTSETKHDTSLKPISVSYNPATAKEIINVGHSFHVNFEDNDNRSVLK
GGPFSDSYRLFQFHFHWGSTNEHGSEHTVDGVKYSAELHVAHWNSAKYSSLAEAASKADGLAVIGVLMKVGEANPKLQKV
LDALQAIKTKGKRAPFTNFDPSTLLPSSLDFWTYPGSLTHPPLYESVTWIICKESISVSSEQLAQFRSLLSNVEGDNAVP
MQHNNRPTQPLKGRTVRASF
;
_entity_poly.pdbx_strand_id   A,B
#
loop_
_chem_comp.id
_chem_comp.type
_chem_comp.name
_chem_comp.formula
ACT non-polymer 'ACETATE ION' 'C2 H3 O2 -1'
PEG non-polymer DI(HYDROXYETHYL)ETHER 'C4 H10 O3'
V14 non-polymer 3-(cyclooctylamino)-2,5,6-trifluoro-4-[(2-hydroxyethyl)sulfonyl]benzenesulfonamide 'C16 H23 F3 N2 O5 S2'
ZN non-polymer 'ZINC ION' 'Zn 2'
#
# COMPACT_ATOMS: atom_id res chain seq x y z
N TRP A 5 -17.81 14.96 26.78
CA TRP A 5 -16.89 14.34 25.85
C TRP A 5 -15.66 15.19 25.80
N GLY A 6 -14.53 14.50 25.90
CA GLY A 6 -13.26 15.23 25.95
C GLY A 6 -12.19 14.24 25.58
N TYR A 7 -11.06 14.38 26.28
CA TYR A 7 -9.80 13.70 25.90
C TYR A 7 -9.14 13.03 27.05
N ASP A 8 -9.87 12.94 28.17
CA ASP A 8 -9.29 12.24 29.37
C ASP A 8 -9.55 10.76 29.22
N ASP A 9 -8.95 9.90 30.04
CA ASP A 9 -9.23 8.48 29.83
C ASP A 9 -10.68 7.97 30.10
N LYS A 10 -11.56 8.77 30.70
CA LYS A 10 -12.98 8.30 30.71
C LYS A 10 -14.08 8.99 29.82
N ASN A 11 -13.76 10.12 29.18
CA ASN A 11 -14.74 10.74 28.27
C ASN A 11 -14.03 10.91 26.85
N GLY A 12 -12.89 10.23 26.66
CA GLY A 12 -11.96 10.51 25.55
C GLY A 12 -12.01 9.53 24.39
N PRO A 13 -11.07 9.63 23.39
CA PRO A 13 -11.12 8.87 22.12
C PRO A 13 -11.45 7.37 22.29
N GLU A 14 -10.97 6.78 23.39
CA GLU A 14 -11.14 5.33 23.61
C GLU A 14 -12.58 5.04 24.08
N GLN A 15 -13.32 6.06 24.50
CA GLN A 15 -14.64 5.90 25.13
C GLN A 15 -15.78 6.18 24.14
N TRP A 16 -15.41 6.84 23.01
CA TRP A 16 -16.39 7.33 22.08
C TRP A 16 -17.17 6.26 21.41
N SER A 17 -16.52 5.10 21.11
CA SER A 17 -17.29 4.07 20.32
C SER A 17 -18.49 3.51 21.11
N LYS A 18 -18.52 3.66 22.43
CA LYS A 18 -19.72 3.22 23.18
C LYS A 18 -21.06 3.86 22.76
N LEU A 19 -21.07 5.18 22.58
CA LEU A 19 -22.22 5.96 22.16
C LEU A 19 -22.16 6.30 20.70
N TYR A 20 -20.93 6.24 20.12
CA TYR A 20 -20.77 6.55 18.69
C TYR A 20 -20.04 5.44 18.00
N PRO A 21 -20.77 4.41 17.62
CA PRO A 21 -20.09 3.24 17.12
C PRO A 21 -19.41 3.59 15.80
N ILE A 22 -19.77 4.71 15.13
CA ILE A 22 -19.10 5.16 13.90
C ILE A 22 -17.58 5.44 14.23
N ALA A 23 -17.20 5.57 15.50
CA ALA A 23 -15.79 5.74 15.83
C ALA A 23 -14.94 4.64 15.19
N ASN A 24 -15.50 3.44 15.02
CA ASN A 24 -14.76 2.32 14.36
C ASN A 24 -15.17 2.15 12.91
N GLY A 25 -15.70 3.21 12.27
CA GLY A 25 -16.10 3.20 10.87
C GLY A 25 -15.03 3.15 9.83
N ASN A 26 -15.44 3.27 8.59
CA ASN A 26 -14.52 3.13 7.48
C ASN A 26 -14.02 4.41 6.89
N ASN A 27 -14.54 5.55 7.38
CA ASN A 27 -14.10 6.85 6.90
C ASN A 27 -13.74 7.74 8.07
N GLN A 28 -13.03 7.20 9.06
CA GLN A 28 -12.70 8.00 10.27
C GLN A 28 -11.44 8.86 10.06
N SER A 29 -11.38 9.95 10.78
CA SER A 29 -10.25 10.92 10.72
C SER A 29 -9.80 11.18 12.14
N PRO A 30 -8.52 11.64 12.33
CA PRO A 30 -7.56 11.91 11.27
C PRO A 30 -6.87 10.59 10.81
N VAL A 31 -5.92 10.75 9.92
CA VAL A 31 -5.19 9.63 9.37
C VAL A 31 -3.72 10.02 9.30
N ASP A 32 -2.90 8.98 9.06
CA ASP A 32 -1.47 9.18 8.76
C ASP A 32 -1.42 9.12 7.25
N ILE A 33 -0.94 10.13 6.61
CA ILE A 33 -0.79 10.24 5.16
C ILE A 33 0.58 9.62 4.83
N LYS A 34 0.58 8.54 4.07
CA LYS A 34 1.83 7.88 3.62
C LYS A 34 2.05 8.40 2.22
N THR A 35 3.12 9.17 2.01
CA THR A 35 3.33 9.87 0.78
C THR A 35 3.62 8.90 -0.41
N SER A 36 4.12 7.70 -0.07
CA SER A 36 4.38 6.74 -1.18
C SER A 36 3.11 6.09 -1.66
N GLU A 37 2.00 6.25 -0.91
CA GLU A 37 0.72 5.63 -1.26
C GLU A 37 -0.30 6.63 -1.75
N THR A 38 0.05 7.92 -1.86
CA THR A 38 -0.90 8.88 -2.39
C THR A 38 -1.03 8.68 -3.86
N LYS A 39 -2.10 9.22 -4.43
CA LYS A 39 -2.30 9.17 -5.85
C LYS A 39 -2.49 10.56 -6.33
N HIS A 40 -1.66 10.92 -7.32
CA HIS A 40 -1.65 12.26 -7.88
C HIS A 40 -2.80 12.24 -8.87
N ASP A 41 -3.77 13.13 -8.65
CA ASP A 41 -5.00 13.25 -9.44
C ASP A 41 -5.07 14.61 -10.15
N THR A 42 -5.43 14.58 -11.44
CA THR A 42 -5.29 15.80 -12.24
C THR A 42 -6.64 16.46 -12.56
N SER A 43 -7.76 15.77 -12.29
CA SER A 43 -9.06 16.41 -12.16
C SER A 43 -9.14 17.45 -10.97
N LEU A 44 -8.19 17.37 -10.03
CA LEU A 44 -8.16 18.33 -8.86
C LEU A 44 -7.77 19.71 -9.31
N LYS A 45 -8.57 20.69 -8.93
CA LYS A 45 -8.25 22.09 -9.17
C LYS A 45 -7.56 22.76 -7.93
N PRO A 46 -6.95 23.92 -8.13
CA PRO A 46 -6.36 24.62 -6.97
C PRO A 46 -7.51 24.96 -6.00
N ILE A 47 -7.21 24.94 -4.72
CA ILE A 47 -8.11 25.48 -3.68
C ILE A 47 -8.17 26.98 -3.79
N SER A 48 -9.40 27.48 -3.72
CA SER A 48 -9.65 28.88 -3.75
C SER A 48 -10.39 29.26 -2.44
N VAL A 49 -9.80 30.14 -1.63
CA VAL A 49 -10.55 30.72 -0.50
C VAL A 49 -10.75 32.22 -0.64
N SER A 50 -11.94 32.69 -0.25
CA SER A 50 -12.30 34.12 -0.32
C SER A 50 -13.12 34.36 0.93
N TYR A 51 -12.49 34.90 1.93
CA TYR A 51 -13.21 35.12 3.18
C TYR A 51 -13.29 36.60 3.48
N ASN A 52 -14.47 37.04 3.88
CA ASN A 52 -14.71 38.41 4.23
C ASN A 52 -14.49 38.62 5.72
N PRO A 53 -13.54 39.45 6.14
CA PRO A 53 -13.29 39.60 7.55
C PRO A 53 -14.48 40.04 8.43
N ALA A 54 -15.47 40.62 7.78
CA ALA A 54 -16.67 41.07 8.55
C ALA A 54 -17.49 39.88 8.98
N THR A 55 -17.24 38.69 8.46
CA THR A 55 -17.97 37.53 8.95
C THR A 55 -17.45 36.95 10.27
N ALA A 56 -16.28 37.38 10.78
CA ALA A 56 -15.85 36.86 12.05
C ALA A 56 -16.84 37.29 13.14
N LYS A 57 -17.19 36.38 14.00
CA LYS A 57 -18.26 36.69 14.99
C LYS A 57 -17.80 36.60 16.46
N GLU A 58 -17.30 35.46 16.90
N GLU A 58 -17.27 35.46 16.87
CA GLU A 58 -17.09 35.30 18.31
CA GLU A 58 -17.24 35.11 18.27
C GLU A 58 -16.08 34.25 18.52
C GLU A 58 -16.17 34.09 18.58
N ILE A 59 -15.47 34.23 19.68
CA ILE A 59 -14.52 33.22 20.10
C ILE A 59 -15.08 32.60 21.40
N ILE A 60 -15.09 31.29 21.57
N ILE A 60 -15.03 31.34 21.61
CA ILE A 60 -15.74 30.55 22.66
CA ILE A 60 -15.63 30.76 22.75
C ILE A 60 -14.85 29.50 23.21
C ILE A 60 -14.88 29.54 23.22
N ASN A 61 -14.83 29.40 24.54
CA ASN A 61 -14.23 28.32 25.19
C ASN A 61 -15.18 27.20 25.32
N VAL A 62 -15.00 26.07 24.71
CA VAL A 62 -15.90 24.94 24.78
C VAL A 62 -15.45 23.81 25.63
N GLY A 63 -14.53 24.15 26.55
CA GLY A 63 -14.11 23.18 27.53
C GLY A 63 -12.95 22.28 27.16
N HIS A 64 -13.11 21.59 26.01
CA HIS A 64 -11.97 20.85 25.53
C HIS A 64 -11.16 21.61 24.47
N SER A 65 -11.59 22.72 24.03
CA SER A 65 -10.96 23.55 23.02
C SER A 65 -11.51 24.91 23.01
N PHE A 66 -11.21 25.71 22.06
CA PHE A 66 -11.87 26.99 21.82
C PHE A 66 -12.18 27.07 20.35
N HIS A 67 -13.16 27.83 20.01
CA HIS A 67 -13.59 28.00 18.58
C HIS A 67 -13.70 29.40 18.22
N VAL A 68 -13.45 29.81 16.99
CA VAL A 68 -13.75 31.08 16.42
C VAL A 68 -14.81 30.88 15.41
N ASN A 69 -15.99 31.38 15.63
CA ASN A 69 -17.15 31.18 14.74
C ASN A 69 -17.39 32.38 13.93
N PHE A 70 -18.02 32.13 12.75
CA PHE A 70 -18.27 33.10 11.71
C PHE A 70 -19.75 33.16 11.39
N GLU A 71 -20.19 34.34 11.10
CA GLU A 71 -21.60 34.42 10.55
C GLU A 71 -21.73 33.59 9.31
N ASP A 72 -22.75 32.72 9.19
CA ASP A 72 -22.83 31.92 7.95
C ASP A 72 -24.22 32.00 7.33
N ASN A 73 -24.74 33.22 7.42
CA ASN A 73 -26.08 33.50 6.84
C ASN A 73 -26.03 33.63 5.38
N ASP A 74 -24.87 33.88 4.73
CA ASP A 74 -24.75 34.06 3.34
C ASP A 74 -23.38 33.60 2.86
N ASN A 75 -23.06 33.81 1.60
CA ASN A 75 -21.80 33.33 1.05
C ASN A 75 -20.74 34.35 0.96
N ARG A 76 -20.68 35.22 1.97
CA ARG A 76 -19.58 36.20 1.95
C ARG A 76 -18.19 35.48 2.04
N SER A 77 -18.12 34.34 2.77
CA SER A 77 -16.83 33.67 3.02
C SER A 77 -16.98 32.24 2.52
N VAL A 78 -16.21 31.91 1.48
CA VAL A 78 -16.35 30.61 0.82
C VAL A 78 -15.03 29.99 0.42
N LEU A 79 -15.07 28.69 0.38
CA LEU A 79 -14.03 27.78 -0.17
C LEU A 79 -14.60 27.14 -1.45
N LYS A 80 -13.77 27.14 -2.48
CA LYS A 80 -14.10 26.50 -3.78
C LYS A 80 -12.89 25.79 -4.31
N GLY A 81 -13.10 25.03 -5.37
CA GLY A 81 -11.98 24.39 -6.02
C GLY A 81 -11.60 23.11 -5.39
N GLY A 82 -10.35 22.73 -5.60
CA GLY A 82 -9.87 21.43 -5.13
C GLY A 82 -10.71 20.29 -5.69
N PRO A 83 -11.22 19.41 -4.86
CA PRO A 83 -12.07 18.30 -5.29
C PRO A 83 -13.53 18.68 -5.46
N PHE A 84 -13.89 19.94 -5.17
CA PHE A 84 -15.29 20.35 -5.01
C PHE A 84 -15.87 20.91 -6.31
N SER A 85 -17.12 20.58 -6.56
CA SER A 85 -17.84 21.38 -7.54
C SER A 85 -18.75 22.45 -6.92
N ASP A 86 -19.09 22.27 -5.64
CA ASP A 86 -19.95 23.18 -4.86
C ASP A 86 -19.05 24.17 -4.08
N SER A 87 -19.68 25.29 -3.72
N SER A 87 -19.51 25.39 -3.82
CA SER A 87 -19.15 26.29 -2.83
CA SER A 87 -18.75 26.23 -2.89
C SER A 87 -19.35 25.79 -1.42
C SER A 87 -19.26 25.94 -1.50
N TYR A 88 -18.33 25.92 -0.55
CA TYR A 88 -18.55 25.63 0.88
C TYR A 88 -18.39 26.95 1.65
N ARG A 89 -19.31 27.15 2.62
CA ARG A 89 -19.36 28.38 3.36
C ARG A 89 -18.55 28.21 4.71
N LEU A 90 -17.65 29.17 4.94
CA LEU A 90 -16.90 29.17 6.21
C LEU A 90 -17.81 29.29 7.43
N PHE A 91 -17.56 28.47 8.45
CA PHE A 91 -18.35 28.74 9.68
C PHE A 91 -17.45 28.74 10.91
N GLN A 92 -16.25 28.20 10.92
CA GLN A 92 -15.47 28.20 12.14
C GLN A 92 -13.98 27.91 11.85
N PHE A 93 -13.08 28.33 12.71
CA PHE A 93 -11.76 27.66 12.83
C PHE A 93 -11.40 27.35 14.21
N HIS A 94 -10.57 26.38 14.40
CA HIS A 94 -10.08 26.02 15.72
C HIS A 94 -8.77 25.31 15.60
N PHE A 95 -8.19 24.89 16.68
CA PHE A 95 -6.93 24.19 16.74
C PHE A 95 -6.98 22.97 17.51
N HIS A 96 -6.02 22.05 17.25
CA HIS A 96 -5.77 20.93 18.15
C HIS A 96 -4.31 20.99 18.56
N TRP A 97 -4.02 20.56 19.76
CA TRP A 97 -2.64 20.55 20.25
C TRP A 97 -2.49 19.38 21.16
N GLY A 98 -1.23 19.21 21.63
CA GLY A 98 -0.80 18.08 22.44
C GLY A 98 -0.19 18.62 23.72
N SER A 99 0.14 17.64 24.59
CA SER A 99 0.63 17.96 25.95
C SER A 99 2.09 18.52 25.99
N THR A 100 2.81 18.14 24.94
CA THR A 100 4.20 18.66 24.73
C THR A 100 4.37 18.99 23.27
N ASN A 101 5.50 19.61 22.93
CA ASN A 101 5.71 20.00 21.53
C ASN A 101 5.87 18.81 20.59
N GLU A 102 6.14 17.63 21.08
N GLU A 102 6.13 17.67 21.17
CA GLU A 102 6.41 16.51 20.15
CA GLU A 102 6.39 16.45 20.41
C GLU A 102 5.20 15.74 19.62
C GLU A 102 5.25 15.93 19.54
N HIS A 103 4.02 16.26 19.96
CA HIS A 103 2.83 15.70 19.27
C HIS A 103 1.75 16.76 19.48
N GLY A 104 0.60 16.50 18.83
CA GLY A 104 -0.49 17.49 19.06
C GLY A 104 -1.27 17.61 17.80
N SER A 105 -0.66 17.48 16.61
CA SER A 105 -1.47 17.49 15.39
C SER A 105 -2.38 16.26 15.43
N GLU A 106 -3.39 16.36 14.59
CA GLU A 106 -4.32 15.24 14.32
C GLU A 106 -3.84 14.35 13.17
N HIS A 107 -3.73 14.98 12.03
CA HIS A 107 -3.06 14.31 10.91
C HIS A 107 -1.57 14.20 11.17
N THR A 108 -1.01 13.15 10.56
CA THR A 108 0.45 12.88 10.59
C THR A 108 0.86 12.61 9.18
N VAL A 109 2.15 12.84 8.86
CA VAL A 109 2.62 12.63 7.48
C VAL A 109 3.86 11.75 7.59
N ASP A 110 3.69 10.57 7.02
CA ASP A 110 4.72 9.49 7.14
C ASP A 110 5.12 9.29 8.58
N GLY A 111 4.15 9.25 9.50
CA GLY A 111 4.38 9.02 10.87
C GLY A 111 4.83 10.26 11.66
N VAL A 112 5.11 11.35 11.02
CA VAL A 112 5.65 12.53 11.70
C VAL A 112 4.46 13.29 12.31
N LYS A 113 4.61 13.50 13.62
CA LYS A 113 3.63 14.27 14.46
C LYS A 113 4.06 15.69 14.60
N TYR A 114 3.18 16.63 14.28
CA TYR A 114 3.48 18.04 14.48
C TYR A 114 2.91 18.50 15.85
N SER A 115 3.18 19.77 16.18
CA SER A 115 2.85 20.24 17.53
C SER A 115 1.41 20.65 17.63
N ALA A 116 0.74 20.97 16.56
CA ALA A 116 -0.64 21.42 16.62
C ALA A 116 -1.18 21.33 15.21
N GLU A 117 -2.46 21.60 15.04
CA GLU A 117 -3.12 21.60 13.73
C GLU A 117 -4.20 22.65 13.72
N LEU A 118 -4.34 23.40 12.68
CA LEU A 118 -5.42 24.38 12.49
C LEU A 118 -6.45 23.73 11.63
N HIS A 119 -7.72 23.79 11.98
CA HIS A 119 -8.86 23.33 11.15
C HIS A 119 -9.69 24.52 10.80
N VAL A 120 -9.97 24.72 9.50
CA VAL A 120 -10.83 25.76 9.00
C VAL A 120 -11.99 25.05 8.35
N ALA A 121 -13.22 25.18 8.91
CA ALA A 121 -14.38 24.29 8.62
C ALA A 121 -15.44 25.06 7.93
N HIS A 122 -16.03 24.33 6.95
CA HIS A 122 -17.01 24.90 6.03
C HIS A 122 -18.11 23.85 5.75
N TRP A 123 -19.30 24.41 5.33
CA TRP A 123 -20.46 23.52 5.05
C TRP A 123 -20.99 23.83 3.66
N ASN A 124 -21.56 22.76 3.09
CA ASN A 124 -21.97 22.84 1.67
C ASN A 124 -23.34 23.59 1.52
N SER A 125 -23.27 24.89 1.24
CA SER A 125 -24.43 25.75 1.10
C SER A 125 -24.99 25.70 -0.32
N ALA A 126 -24.34 24.97 -1.21
CA ALA A 126 -24.95 24.79 -2.53
C ALA A 126 -26.07 23.72 -2.44
N LYS A 127 -25.88 22.69 -1.61
CA LYS A 127 -26.81 21.56 -1.46
C LYS A 127 -27.72 21.63 -0.26
N TYR A 128 -27.31 22.32 0.78
CA TYR A 128 -28.03 22.31 2.00
C TYR A 128 -28.24 23.74 2.47
N SER A 129 -29.13 23.95 3.45
CA SER A 129 -29.49 25.30 3.93
C SER A 129 -28.98 25.67 5.29
N SER A 130 -28.34 24.71 6.00
CA SER A 130 -27.83 25.06 7.27
C SER A 130 -26.70 24.09 7.59
N LEU A 131 -25.85 24.52 8.52
CA LEU A 131 -24.83 23.67 9.09
C LEU A 131 -25.46 22.39 9.67
N ALA A 132 -26.56 22.53 10.45
CA ALA A 132 -27.18 21.34 11.08
C ALA A 132 -27.66 20.35 10.00
N GLU A 133 -28.18 20.82 8.87
CA GLU A 133 -28.58 19.87 7.74
C GLU A 133 -27.31 19.24 7.12
N ALA A 134 -26.31 20.06 6.85
CA ALA A 134 -25.11 19.60 6.20
C ALA A 134 -24.27 18.65 7.06
N ALA A 135 -24.29 18.72 8.40
CA ALA A 135 -23.25 18.14 9.24
C ALA A 135 -23.20 16.66 9.11
N SER A 136 -24.30 16.02 8.73
CA SER A 136 -24.37 14.55 8.78
C SER A 136 -24.27 14.00 7.33
N LYS A 137 -24.18 14.86 6.32
CA LYS A 137 -24.18 14.42 4.92
C LYS A 137 -22.77 14.10 4.45
N ALA A 138 -22.62 13.11 3.57
CA ALA A 138 -21.28 12.72 3.14
C ALA A 138 -20.61 13.86 2.47
N ASP A 139 -21.35 14.68 1.78
CA ASP A 139 -20.80 15.79 1.08
C ASP A 139 -20.99 17.15 1.80
N GLY A 140 -21.27 17.01 3.07
CA GLY A 140 -21.81 18.17 3.89
C GLY A 140 -20.72 19.23 4.35
N LEU A 141 -19.53 18.70 4.67
CA LEU A 141 -18.49 19.58 5.28
C LEU A 141 -17.18 19.42 4.54
N ALA A 142 -16.47 20.52 4.59
CA ALA A 142 -15.07 20.60 4.01
C ALA A 142 -14.20 21.24 5.12
N VAL A 143 -13.10 20.59 5.48
CA VAL A 143 -12.20 21.14 6.54
C VAL A 143 -10.78 21.20 5.96
N ILE A 144 -10.25 22.38 6.00
CA ILE A 144 -8.79 22.61 5.63
C ILE A 144 -8.05 22.29 6.94
N GLY A 145 -7.08 21.43 6.89
CA GLY A 145 -6.14 21.13 8.01
C GLY A 145 -4.79 21.64 7.67
N VAL A 146 -4.18 22.40 8.56
CA VAL A 146 -2.78 22.97 8.42
C VAL A 146 -1.99 22.49 9.55
N LEU A 147 -0.92 21.72 9.32
CA LEU A 147 -0.02 21.20 10.38
C LEU A 147 0.83 22.38 10.86
N MET A 148 0.96 22.42 12.19
CA MET A 148 1.70 23.51 12.84
C MET A 148 2.96 22.97 13.52
N LYS A 149 4.09 23.50 12.97
CA LYS A 149 5.44 22.96 13.36
C LYS A 149 6.13 23.94 14.38
N VAL A 150 6.52 23.36 15.52
CA VAL A 150 7.12 24.23 16.51
C VAL A 150 8.40 24.91 15.96
N GLY A 151 8.58 26.17 16.17
CA GLY A 151 9.71 26.89 15.63
C GLY A 151 9.51 28.34 15.94
N GLU A 152 9.64 29.20 14.98
CA GLU A 152 9.57 30.65 15.24
C GLU A 152 8.14 31.04 15.58
N ALA A 153 7.96 32.07 16.38
CA ALA A 153 6.61 32.61 16.66
C ALA A 153 5.97 33.02 15.39
N ASN A 154 4.65 32.76 15.29
CA ASN A 154 3.86 33.11 14.13
C ASN A 154 3.07 34.37 14.43
N PRO A 155 3.38 35.50 13.84
CA PRO A 155 2.68 36.73 14.25
C PRO A 155 1.23 36.75 13.75
N LYS A 156 0.89 35.84 12.82
CA LYS A 156 -0.49 35.88 12.29
C LYS A 156 -1.43 35.28 13.34
N LEU A 157 -0.96 34.60 14.35
CA LEU A 157 -1.75 34.09 15.48
C LEU A 157 -2.12 35.17 16.49
N GLN A 158 -1.60 36.40 16.36
CA GLN A 158 -1.63 37.31 17.52
C GLN A 158 -3.03 37.72 17.93
N LYS A 159 -3.94 37.91 17.01
CA LYS A 159 -5.31 38.39 17.45
C LYS A 159 -5.91 37.25 18.18
N VAL A 160 -5.78 35.99 17.72
CA VAL A 160 -6.31 34.84 18.37
C VAL A 160 -5.74 34.70 19.73
N LEU A 161 -4.40 34.77 19.87
CA LEU A 161 -3.80 34.54 21.20
C LEU A 161 -4.15 35.63 22.17
N ASP A 162 -4.22 36.85 21.69
CA ASP A 162 -4.57 38.02 22.52
C ASP A 162 -5.97 37.85 23.04
N ALA A 163 -6.85 37.19 22.30
CA ALA A 163 -8.24 37.04 22.68
C ALA A 163 -8.43 36.05 23.75
N LEU A 164 -7.52 35.13 24.02
CA LEU A 164 -7.78 34.03 24.91
C LEU A 164 -7.93 34.52 26.40
N GLN A 165 -7.30 35.65 26.74
CA GLN A 165 -7.43 36.11 28.16
C GLN A 165 -8.87 36.44 28.47
N ALA A 166 -9.72 36.61 27.46
CA ALA A 166 -11.18 36.86 27.70
C ALA A 166 -12.04 35.71 27.78
N ILE A 167 -11.53 34.51 27.44
CA ILE A 167 -12.27 33.30 27.38
C ILE A 167 -11.56 32.16 28.10
N LYS A 168 -10.95 32.51 29.29
CA LYS A 168 -10.18 31.51 29.96
C LYS A 168 -10.71 30.28 30.43
N THR A 169 -12.02 30.39 30.80
CA THR A 169 -12.76 29.23 31.36
C THR A 169 -13.96 28.77 30.49
N LYS A 170 -14.35 27.60 30.74
CA LYS A 170 -15.41 26.92 29.97
C LYS A 170 -16.68 27.79 29.90
N GLY A 171 -17.19 28.00 28.71
CA GLY A 171 -18.38 28.88 28.46
C GLY A 171 -18.15 30.32 28.27
N LYS A 172 -16.98 30.93 28.58
CA LYS A 172 -16.76 32.28 28.30
C LYS A 172 -16.74 32.50 26.78
N ARG A 173 -17.06 33.72 26.39
CA ARG A 173 -17.19 34.11 24.99
C ARG A 173 -17.03 35.54 24.78
N ALA A 174 -16.62 35.96 23.61
CA ALA A 174 -16.40 37.30 23.38
C ALA A 174 -16.56 37.56 21.95
N PRO A 175 -16.93 38.71 21.52
CA PRO A 175 -16.86 39.10 20.14
C PRO A 175 -15.42 38.98 19.65
N PHE A 176 -15.33 38.55 18.39
CA PHE A 176 -14.05 38.35 17.70
C PHE A 176 -14.36 38.74 16.30
N THR A 177 -13.99 39.92 15.88
CA THR A 177 -14.50 40.46 14.63
C THR A 177 -13.40 40.92 13.68
N ASN A 178 -13.76 41.16 12.47
CA ASN A 178 -12.84 41.73 11.50
C ASN A 178 -11.55 40.94 11.32
N PHE A 179 -11.72 39.68 10.97
CA PHE A 179 -10.56 38.74 10.93
C PHE A 179 -10.82 37.80 9.76
N ASP A 180 -9.78 37.70 8.88
CA ASP A 180 -9.86 36.81 7.69
C ASP A 180 -8.92 35.64 8.00
N PRO A 181 -9.38 34.42 8.28
CA PRO A 181 -8.49 33.28 8.61
C PRO A 181 -7.65 32.75 7.42
N SER A 182 -7.91 33.18 6.21
CA SER A 182 -6.92 32.86 5.10
C SER A 182 -5.60 33.41 5.44
N THR A 183 -5.47 34.38 6.30
CA THR A 183 -4.13 34.89 6.70
C THR A 183 -3.35 33.87 7.49
N LEU A 184 -4.04 32.82 7.99
CA LEU A 184 -3.34 31.79 8.73
C LEU A 184 -2.76 30.62 7.88
N LEU A 185 -3.31 30.54 6.64
CA LEU A 185 -2.93 29.40 5.76
C LEU A 185 -1.47 29.64 5.25
N PRO A 186 -0.85 28.50 4.88
CA PRO A 186 0.51 28.62 4.33
C PRO A 186 0.49 29.28 2.96
N SER A 187 1.70 29.72 2.51
CA SER A 187 1.79 30.32 1.21
C SER A 187 1.49 29.35 0.06
N SER A 188 1.95 28.12 0.17
CA SER A 188 1.56 27.11 -0.84
C SER A 188 0.20 26.55 -0.39
N LEU A 189 -0.74 26.47 -1.30
CA LEU A 189 -1.95 25.72 -1.03
C LEU A 189 -1.94 24.36 -1.76
N ASP A 190 -0.74 23.79 -2.02
CA ASP A 190 -0.69 22.36 -2.45
C ASP A 190 -1.33 21.52 -1.34
N PHE A 191 -2.06 20.47 -1.61
CA PHE A 191 -2.78 19.72 -0.60
C PHE A 191 -2.97 18.27 -0.84
N TRP A 192 -3.33 17.49 0.13
CA TRP A 192 -3.85 16.13 0.08
C TRP A 192 -5.34 16.18 0.37
N THR A 193 -6.14 15.31 -0.20
CA THR A 193 -7.54 15.27 0.11
C THR A 193 -7.96 13.86 0.24
N TYR A 194 -8.85 13.58 1.16
CA TYR A 194 -9.40 12.22 1.37
C TYR A 194 -10.78 12.34 2.07
N PRO A 195 -11.67 11.39 1.90
CA PRO A 195 -12.98 11.41 2.54
C PRO A 195 -12.87 10.91 3.93
N GLY A 196 -13.31 11.74 4.94
CA GLY A 196 -13.27 11.34 6.28
C GLY A 196 -14.34 11.89 7.16
N SER A 197 -13.96 12.20 8.38
CA SER A 197 -15.00 12.39 9.43
C SER A 197 -14.64 13.62 10.26
N LEU A 198 -15.61 14.06 11.09
CA LEU A 198 -15.28 14.86 12.25
C LEU A 198 -14.34 14.07 13.10
N THR A 199 -13.38 14.77 13.75
CA THR A 199 -12.45 14.05 14.64
C THR A 199 -12.87 14.04 16.12
N HIS A 200 -14.12 14.45 16.45
CA HIS A 200 -14.65 14.48 17.81
C HIS A 200 -16.08 14.04 17.61
N PRO A 201 -16.69 13.47 18.69
CA PRO A 201 -18.14 13.18 18.66
C PRO A 201 -18.94 14.34 18.13
N PRO A 202 -19.83 14.13 17.18
CA PRO A 202 -20.43 12.80 16.83
C PRO A 202 -19.76 12.03 15.75
N LEU A 203 -18.57 12.48 15.32
CA LEU A 203 -17.69 11.64 14.42
C LEU A 203 -18.36 11.33 13.10
N TYR A 204 -19.34 12.12 12.68
CA TYR A 204 -19.93 11.94 11.37
C TYR A 204 -18.92 11.87 10.23
N GLU A 205 -19.17 10.93 9.30
CA GLU A 205 -18.33 10.76 8.09
C GLU A 205 -18.82 11.64 7.00
N SER A 206 -18.74 12.95 7.29
CA SER A 206 -19.26 13.96 6.46
C SER A 206 -18.25 15.03 5.97
N VAL A 207 -16.97 14.68 6.18
CA VAL A 207 -15.90 15.70 5.93
C VAL A 207 -15.03 15.29 4.75
N THR A 208 -14.97 16.16 3.82
CA THR A 208 -13.85 16.14 2.79
C THR A 208 -12.69 16.97 3.42
N TRP A 209 -11.62 16.23 3.66
CA TRP A 209 -10.38 16.85 4.24
C TRP A 209 -9.53 17.46 3.18
N ILE A 210 -9.01 18.61 3.41
CA ILE A 210 -8.01 19.27 2.58
C ILE A 210 -6.81 19.49 3.45
N ILE A 211 -5.74 18.71 3.39
CA ILE A 211 -4.61 18.82 4.30
C ILE A 211 -3.52 19.55 3.56
N CYS A 212 -3.06 20.69 3.98
CA CYS A 212 -2.02 21.43 3.32
C CYS A 212 -0.67 20.66 3.43
N LYS A 213 0.08 20.71 2.25
CA LYS A 213 1.45 20.14 2.26
C LYS A 213 2.46 20.89 3.12
N GLU A 214 2.33 22.22 3.03
CA GLU A 214 3.25 23.11 3.79
C GLU A 214 2.69 23.33 5.21
N SER A 215 3.54 23.27 6.18
CA SER A 215 3.13 23.61 7.56
C SER A 215 3.22 25.12 7.70
N ILE A 216 2.63 25.58 8.87
CA ILE A 216 2.93 26.91 9.36
C ILE A 216 3.62 26.76 10.74
N SER A 217 4.26 27.84 11.17
N SER A 217 4.22 27.89 11.14
CA SER A 217 5.04 27.76 12.40
CA SER A 217 5.02 27.87 12.34
C SER A 217 4.12 28.06 13.60
C SER A 217 4.17 28.26 13.58
N VAL A 218 4.67 27.82 14.78
CA VAL A 218 4.06 28.25 16.05
C VAL A 218 5.28 28.16 16.96
N SER A 219 5.33 29.06 17.95
CA SER A 219 6.43 28.92 18.93
C SER A 219 6.04 28.07 20.08
N SER A 220 7.03 27.77 20.89
N SER A 220 6.99 27.49 20.83
CA SER A 220 6.78 26.96 22.05
CA SER A 220 6.69 26.86 22.11
C SER A 220 5.93 27.67 23.12
C SER A 220 5.86 27.72 23.10
N GLU A 221 6.12 28.99 23.13
CA GLU A 221 5.32 29.85 24.06
C GLU A 221 3.95 30.07 23.50
N GLN A 222 3.72 30.18 22.17
CA GLN A 222 2.37 30.24 21.66
C GLN A 222 1.64 28.96 21.96
N LEU A 223 2.20 27.79 21.84
CA LEU A 223 1.63 26.57 22.21
C LEU A 223 1.19 26.57 23.68
N ALA A 224 2.05 27.12 24.50
CA ALA A 224 1.79 27.11 25.98
C ALA A 224 0.55 28.04 26.18
N GLN A 225 0.31 29.08 25.39
CA GLN A 225 -0.94 29.88 25.55
C GLN A 225 -2.15 28.99 25.34
N PHE A 226 -2.17 28.11 24.34
CA PHE A 226 -3.34 27.24 24.12
C PHE A 226 -3.44 26.32 25.30
N ARG A 227 -2.37 25.69 25.84
CA ARG A 227 -2.44 24.81 26.95
C ARG A 227 -2.79 25.49 28.26
N SER A 228 -2.71 26.78 28.34
CA SER A 228 -3.11 27.46 29.60
C SER A 228 -4.56 27.78 29.57
N LEU A 229 -5.29 27.57 28.48
CA LEU A 229 -6.79 27.72 28.58
C LEU A 229 -7.27 26.71 29.56
N LEU A 230 -8.42 27.00 30.20
CA LEU A 230 -8.91 26.11 31.26
C LEU A 230 -10.19 25.40 30.87
N SER A 231 -10.31 24.19 31.21
CA SER A 231 -11.45 23.37 30.84
C SER A 231 -12.56 23.46 31.87
N ASN A 232 -12.23 23.97 33.04
CA ASN A 232 -13.21 24.06 34.13
C ASN A 232 -13.96 25.32 33.92
N VAL A 233 -15.15 25.43 34.65
CA VAL A 233 -15.82 26.71 34.68
C VAL A 233 -15.27 27.67 35.77
N GLU A 234 -15.54 28.92 35.56
CA GLU A 234 -15.09 29.97 36.47
C GLU A 234 -15.43 29.62 37.93
N GLY A 235 -14.40 29.69 38.78
CA GLY A 235 -14.56 29.49 40.29
C GLY A 235 -14.13 28.11 40.67
N ASP A 236 -14.09 27.14 39.74
CA ASP A 236 -13.60 25.82 40.07
C ASP A 236 -12.06 25.72 40.04
N ASN A 237 -11.47 24.62 40.52
CA ASN A 237 -10.00 24.54 40.50
C ASN A 237 -9.66 24.58 39.01
N ALA A 238 -8.57 25.29 38.73
CA ALA A 238 -8.13 25.44 37.35
C ALA A 238 -7.67 24.03 36.83
N VAL A 239 -8.14 23.63 35.64
CA VAL A 239 -7.73 22.41 35.02
C VAL A 239 -7.31 22.85 33.55
N PRO A 240 -6.02 23.02 33.30
CA PRO A 240 -5.62 23.40 31.93
C PRO A 240 -6.01 22.39 30.85
N MET A 241 -6.18 22.94 29.65
CA MET A 241 -6.54 22.08 28.49
C MET A 241 -5.22 21.57 27.83
N GLN A 242 -4.72 20.48 28.28
CA GLN A 242 -3.37 20.06 27.90
C GLN A 242 -3.37 19.51 26.51
N HIS A 243 -4.46 18.88 26.05
CA HIS A 243 -4.45 18.23 24.69
C HIS A 243 -5.80 17.99 24.22
N ASN A 244 -5.95 17.85 22.90
CA ASN A 244 -7.27 17.62 22.32
C ASN A 244 -7.16 17.07 20.91
N ASN A 245 -6.13 16.25 20.65
CA ASN A 245 -5.99 15.57 19.37
C ASN A 245 -6.41 14.13 19.43
N ARG A 246 -7.11 13.66 18.41
CA ARG A 246 -7.52 12.27 18.33
C ARG A 246 -6.39 11.49 17.67
N PRO A 247 -6.13 10.22 18.10
CA PRO A 247 -5.17 9.39 17.37
C PRO A 247 -5.53 9.20 15.93
N THR A 248 -4.56 8.92 15.04
CA THR A 248 -4.87 8.57 13.68
C THR A 248 -5.58 7.20 13.58
N GLN A 249 -6.35 7.11 12.51
CA GLN A 249 -7.33 6.04 12.37
C GLN A 249 -7.02 5.28 11.10
N PRO A 250 -7.46 3.99 11.05
CA PRO A 250 -7.16 3.23 9.85
C PRO A 250 -7.73 3.74 8.57
N LEU A 251 -6.97 3.68 7.48
CA LEU A 251 -7.41 4.19 6.22
C LEU A 251 -8.53 3.33 5.58
N LYS A 252 -8.52 2.01 5.90
CA LYS A 252 -9.63 1.11 5.44
C LYS A 252 -9.88 1.23 3.92
N GLY A 253 -8.77 1.22 3.19
CA GLY A 253 -8.78 1.23 1.77
C GLY A 253 -9.08 2.52 1.11
N ARG A 254 -9.22 3.63 1.89
CA ARG A 254 -9.41 4.87 1.19
C ARG A 254 -8.12 5.33 0.47
N THR A 255 -8.26 6.19 -0.51
CA THR A 255 -7.09 6.75 -1.18
C THR A 255 -6.95 8.19 -0.77
N VAL A 256 -5.74 8.55 -0.38
CA VAL A 256 -5.42 9.97 -0.22
C VAL A 256 -4.92 10.47 -1.53
N ARG A 257 -5.52 11.49 -2.11
CA ARG A 257 -5.10 12.10 -3.34
C ARG A 257 -4.19 13.28 -3.09
N ALA A 258 -3.17 13.53 -3.93
CA ALA A 258 -2.29 14.65 -3.84
C ALA A 258 -2.56 15.62 -4.96
N SER A 259 -2.57 16.91 -4.74
CA SER A 259 -2.76 17.91 -5.78
C SER A 259 -1.44 18.16 -6.55
N PHE A 260 -0.34 17.58 -6.05
CA PHE A 260 1.00 18.07 -6.48
C PHE A 260 1.83 16.80 -6.67
N ASP B 4 -0.14 -29.31 4.57
CA ASP B 4 -0.50 -30.64 3.93
C ASP B 4 0.63 -31.23 3.02
N TRP B 5 1.53 -30.37 2.56
CA TRP B 5 2.75 -30.74 1.79
C TRP B 5 3.76 -29.62 1.96
N GLY B 6 5.06 -29.93 1.87
CA GLY B 6 6.10 -28.88 1.83
C GLY B 6 7.33 -29.55 1.25
N TYR B 7 8.52 -29.20 1.74
CA TYR B 7 9.76 -29.68 1.26
C TYR B 7 10.61 -30.31 2.33
N ASP B 8 9.98 -30.53 3.49
CA ASP B 8 10.67 -31.16 4.60
C ASP B 8 10.54 -32.67 4.55
N ASP B 9 11.23 -33.35 5.46
CA ASP B 9 11.27 -34.81 5.36
C ASP B 9 9.86 -35.38 5.53
N LYS B 10 9.01 -34.72 6.31
CA LYS B 10 7.71 -35.31 6.65
C LYS B 10 6.58 -35.01 5.67
N ASN B 11 6.78 -34.05 4.78
CA ASN B 11 5.71 -33.54 3.96
C ASN B 11 6.25 -33.30 2.53
N GLY B 12 7.43 -33.83 2.29
CA GLY B 12 8.22 -33.44 1.11
C GLY B 12 7.91 -34.25 -0.14
N PRO B 13 8.70 -34.01 -1.20
CA PRO B 13 8.51 -34.65 -2.49
C PRO B 13 8.37 -36.16 -2.43
N GLU B 14 9.12 -36.83 -1.54
CA GLU B 14 9.01 -38.29 -1.45
C GLU B 14 7.68 -38.82 -0.89
N GLN B 15 6.93 -37.90 -0.24
N GLN B 15 6.87 -37.97 -0.27
CA GLN B 15 5.64 -38.15 0.41
CA GLN B 15 5.59 -38.42 0.26
C GLN B 15 4.45 -37.77 -0.47
C GLN B 15 4.41 -37.65 -0.37
N TRP B 16 4.65 -36.90 -1.45
CA TRP B 16 3.54 -36.21 -2.13
C TRP B 16 2.55 -37.15 -2.79
N SER B 17 3.00 -38.30 -3.26
CA SER B 17 2.09 -39.18 -3.97
C SER B 17 0.90 -39.72 -3.13
N LYS B 18 1.06 -39.65 -1.81
CA LYS B 18 -0.04 -40.19 -0.95
C LYS B 18 -1.29 -39.33 -1.20
N LEU B 19 -1.16 -37.99 -1.08
CA LEU B 19 -2.30 -37.16 -1.36
C LEU B 19 -2.40 -36.72 -2.81
N TYR B 20 -1.30 -36.78 -3.58
CA TYR B 20 -1.37 -36.43 -5.01
C TYR B 20 -0.80 -37.56 -5.86
N PRO B 21 -1.62 -38.60 -6.13
CA PRO B 21 -1.06 -39.74 -6.84
C PRO B 21 -0.49 -39.48 -8.20
N ILE B 22 -0.83 -38.36 -8.84
CA ILE B 22 -0.18 -37.99 -10.14
C ILE B 22 1.34 -37.78 -9.97
N ALA B 23 1.79 -37.61 -8.73
CA ALA B 23 3.27 -37.49 -8.47
C ALA B 23 4.08 -38.57 -9.14
N ASN B 24 3.45 -39.74 -9.35
CA ASN B 24 4.13 -40.86 -10.00
C ASN B 24 3.68 -41.02 -11.41
N GLY B 25 3.18 -40.00 -12.07
CA GLY B 25 2.65 -40.09 -13.40
C GLY B 25 3.74 -40.10 -14.45
N ASN B 26 3.29 -40.01 -15.67
CA ASN B 26 4.19 -40.18 -16.82
C ASN B 26 4.72 -38.90 -17.43
N ASN B 27 4.23 -37.75 -16.91
CA ASN B 27 4.61 -36.45 -17.45
C ASN B 27 4.98 -35.52 -16.29
N GLN B 28 5.76 -36.01 -15.36
CA GLN B 28 6.18 -35.20 -14.22
C GLN B 28 7.40 -34.35 -14.46
N SER B 29 7.47 -33.25 -13.72
CA SER B 29 8.59 -32.28 -13.83
C SER B 29 9.13 -32.03 -12.46
N PRO B 30 10.40 -31.57 -12.36
CA PRO B 30 11.32 -31.30 -13.45
C PRO B 30 11.97 -32.65 -13.91
N VAL B 31 12.81 -32.47 -14.90
CA VAL B 31 13.57 -33.59 -15.53
C VAL B 31 14.98 -33.15 -15.75
N ASP B 32 15.84 -34.14 -15.95
CA ASP B 32 17.20 -33.92 -16.37
C ASP B 32 17.13 -33.90 -17.90
N ILE B 33 17.72 -32.89 -18.47
CA ILE B 33 17.86 -32.78 -19.90
C ILE B 33 19.25 -33.30 -20.30
N LYS B 34 19.23 -34.47 -20.95
CA LYS B 34 20.48 -35.05 -21.51
C LYS B 34 20.65 -34.55 -22.90
N THR B 35 21.60 -33.71 -23.09
CA THR B 35 21.76 -32.98 -24.34
C THR B 35 22.00 -33.91 -25.55
N SER B 36 22.72 -34.99 -25.34
CA SER B 36 22.89 -35.91 -26.49
C SER B 36 21.64 -36.65 -26.89
N GLU B 37 20.57 -36.60 -26.11
CA GLU B 37 19.31 -37.32 -26.38
C GLU B 37 18.21 -36.35 -26.91
N THR B 38 18.51 -35.06 -26.94
CA THR B 38 17.49 -34.14 -27.46
C THR B 38 17.29 -34.35 -28.96
N LYS B 39 16.18 -33.91 -29.49
CA LYS B 39 15.95 -33.97 -30.91
C LYS B 39 15.60 -32.65 -31.41
N HIS B 40 16.03 -32.21 -32.57
CA HIS B 40 15.69 -30.93 -33.14
C HIS B 40 14.45 -31.11 -33.94
N ASP B 41 13.41 -30.34 -33.64
CA ASP B 41 12.14 -30.39 -34.31
C ASP B 41 12.11 -29.09 -35.13
N THR B 42 12.14 -29.22 -36.45
CA THR B 42 12.20 -28.11 -37.31
C THR B 42 10.90 -27.22 -37.37
N SER B 43 9.86 -27.77 -36.76
CA SER B 43 8.59 -27.00 -36.65
C SER B 43 8.65 -25.95 -35.52
N LEU B 44 9.61 -26.06 -34.63
CA LEU B 44 9.60 -25.01 -33.52
C LEU B 44 9.91 -23.65 -34.10
N LYS B 45 9.21 -22.65 -33.62
CA LYS B 45 9.59 -21.30 -33.91
C LYS B 45 10.40 -20.70 -32.73
N PRO B 46 11.05 -19.60 -32.96
CA PRO B 46 11.65 -18.90 -31.82
C PRO B 46 10.51 -18.51 -30.83
N ILE B 47 10.91 -18.46 -29.54
CA ILE B 47 9.97 -17.89 -28.59
C ILE B 47 10.01 -16.37 -28.62
N SER B 48 8.81 -15.80 -28.50
CA SER B 48 8.66 -14.35 -28.43
C SER B 48 7.97 -14.02 -27.09
N VAL B 49 8.58 -13.12 -26.36
CA VAL B 49 7.81 -12.62 -25.20
C VAL B 49 7.69 -11.11 -25.32
N SER B 50 6.54 -10.63 -24.95
CA SER B 50 6.32 -9.20 -24.85
C SER B 50 5.34 -8.94 -23.68
N TYR B 51 5.96 -8.42 -22.71
CA TYR B 51 5.21 -8.16 -21.53
C TYR B 51 5.11 -6.69 -21.28
N ASN B 52 3.95 -6.32 -20.79
CA ASN B 52 3.68 -4.94 -20.47
C ASN B 52 3.96 -4.68 -19.02
N PRO B 53 4.89 -3.84 -18.66
CA PRO B 53 5.25 -3.66 -17.26
C PRO B 53 4.07 -3.22 -16.38
N ALA B 54 3.03 -2.66 -16.99
CA ALA B 54 1.89 -2.17 -16.18
C ALA B 54 1.01 -3.33 -15.76
N THR B 55 1.32 -4.55 -16.20
CA THR B 55 0.54 -5.67 -15.72
C THR B 55 1.15 -6.27 -14.43
N ALA B 56 2.27 -5.85 -13.97
CA ALA B 56 2.80 -6.33 -12.68
C ALA B 56 1.80 -5.91 -11.57
N LYS B 57 1.44 -6.82 -10.69
CA LYS B 57 0.42 -6.48 -9.66
C LYS B 57 0.85 -6.66 -8.24
N GLU B 58 1.40 -7.79 -7.85
N GLU B 58 1.33 -7.82 -7.82
CA GLU B 58 1.47 -8.17 -6.44
CA GLU B 58 1.63 -7.99 -6.41
C GLU B 58 2.51 -9.19 -6.12
C GLU B 58 2.72 -8.97 -6.22
N ILE B 59 3.25 -9.02 -5.03
CA ILE B 59 4.17 -10.01 -4.59
C ILE B 59 3.65 -10.70 -3.35
N ILE B 60 3.78 -11.93 -3.12
CA ILE B 60 3.08 -12.61 -2.06
C ILE B 60 3.97 -13.72 -1.52
N ASN B 61 4.08 -13.90 -0.19
CA ASN B 61 4.69 -14.97 0.44
C ASN B 61 3.75 -16.19 0.61
N VAL B 62 4.04 -17.29 -0.05
CA VAL B 62 3.15 -18.41 -0.03
C VAL B 62 3.59 -19.50 0.86
N GLY B 63 4.51 -19.16 1.78
CA GLY B 63 4.91 -20.13 2.75
C GLY B 63 6.13 -20.96 2.40
N HIS B 64 6.04 -21.61 1.23
CA HIS B 64 7.18 -22.35 0.74
C HIS B 64 7.94 -21.59 -0.36
N SER B 65 7.45 -20.47 -0.78
CA SER B 65 8.10 -19.68 -1.81
C SER B 65 7.55 -18.29 -1.75
N PHE B 66 7.77 -17.46 -2.76
CA PHE B 66 7.08 -16.25 -2.98
C PHE B 66 6.75 -16.13 -4.46
N HIS B 67 5.72 -15.43 -4.78
CA HIS B 67 5.24 -15.27 -6.17
C HIS B 67 5.09 -13.88 -6.54
N VAL B 68 5.40 -13.46 -7.73
CA VAL B 68 5.08 -12.18 -8.26
C VAL B 68 3.98 -12.36 -9.28
N ASN B 69 2.76 -11.87 -9.05
CA ASN B 69 1.64 -12.10 -9.89
C ASN B 69 1.34 -10.87 -10.74
N PHE B 70 0.70 -11.16 -11.90
CA PHE B 70 0.41 -10.14 -12.92
C PHE B 70 -1.09 -10.10 -13.16
N GLU B 71 -1.57 -8.92 -13.57
CA GLU B 71 -2.96 -8.81 -13.98
C GLU B 71 -3.13 -9.65 -15.23
N ASP B 72 -4.11 -10.57 -15.22
N ASP B 72 -4.47 -10.32 -14.72
CA ASP B 72 -4.31 -11.42 -16.38
CA ASP B 72 -4.98 -11.42 -15.47
C ASP B 72 -5.72 -11.40 -16.95
C ASP B 72 -6.33 -11.18 -16.00
N ASN B 73 -6.36 -10.19 -16.88
CA ASN B 73 -7.70 -9.83 -17.47
C ASN B 73 -7.65 -9.57 -18.95
N ASP B 74 -6.46 -9.57 -19.55
CA ASP B 74 -6.36 -9.38 -20.97
C ASP B 74 -5.03 -9.91 -21.46
N ASN B 75 -4.78 -9.82 -22.76
CA ASN B 75 -3.57 -10.32 -23.33
C ASN B 75 -2.58 -9.24 -23.54
N ARG B 76 -2.41 -8.27 -22.67
CA ARG B 76 -1.35 -7.35 -22.73
C ARG B 76 0.14 -7.95 -22.70
N SER B 77 0.29 -9.08 -21.88
CA SER B 77 1.60 -9.65 -21.66
C SER B 77 1.46 -11.08 -22.08
N VAL B 78 2.18 -11.42 -23.17
CA VAL B 78 2.06 -12.78 -23.75
C VAL B 78 3.36 -13.36 -24.28
N LEU B 79 3.29 -14.70 -24.23
CA LEU B 79 4.32 -15.58 -24.83
C LEU B 79 3.74 -16.15 -26.12
N LYS B 80 4.59 -16.14 -27.17
CA LYS B 80 4.12 -16.81 -28.43
C LYS B 80 5.33 -17.51 -28.99
N GLY B 81 5.05 -18.28 -30.04
CA GLY B 81 6.14 -18.95 -30.78
C GLY B 81 6.49 -20.27 -30.14
N GLY B 82 7.78 -20.67 -30.36
CA GLY B 82 8.23 -21.96 -29.82
C GLY B 82 7.36 -23.11 -30.31
N PRO B 83 6.88 -23.99 -29.51
CA PRO B 83 6.01 -25.15 -29.90
C PRO B 83 4.58 -24.73 -30.00
N PHE B 84 4.20 -23.46 -29.75
CA PHE B 84 2.79 -23.08 -29.56
C PHE B 84 2.21 -22.53 -30.88
N SER B 85 0.92 -22.77 -31.07
CA SER B 85 0.24 -22.01 -32.13
C SER B 85 -0.65 -20.97 -31.49
N ASP B 86 -0.96 -21.18 -30.18
CA ASP B 86 -1.76 -20.22 -29.32
C ASP B 86 -0.82 -19.21 -28.61
N SER B 87 -1.21 -17.96 -28.38
CA SER B 87 -0.51 -17.11 -27.41
C SER B 87 -0.93 -17.49 -25.99
N TYR B 88 0.03 -17.41 -25.07
CA TYR B 88 -0.20 -17.72 -23.65
C TYR B 88 0.05 -16.41 -22.85
N ARG B 89 -0.84 -16.22 -21.87
CA ARG B 89 -0.81 -15.00 -21.07
C ARG B 89 0.04 -15.11 -19.80
N LEU B 90 0.91 -14.14 -19.69
CA LEU B 90 1.74 -14.08 -18.44
C LEU B 90 0.82 -14.00 -17.22
N PHE B 91 1.14 -14.75 -16.17
CA PHE B 91 0.40 -14.54 -14.87
C PHE B 91 1.27 -14.50 -13.69
N GLN B 92 2.51 -14.98 -13.72
CA GLN B 92 3.33 -15.07 -12.51
C GLN B 92 4.79 -15.31 -12.82
N PHE B 93 5.73 -14.89 -12.02
CA PHE B 93 7.03 -15.56 -11.98
C PHE B 93 7.41 -15.81 -10.54
N HIS B 94 8.32 -16.73 -10.34
CA HIS B 94 8.81 -17.11 -9.02
C HIS B 94 10.10 -17.83 -9.19
N PHE B 95 10.72 -18.25 -8.14
CA PHE B 95 12.05 -18.90 -8.15
C PHE B 95 11.98 -20.17 -7.36
N HIS B 96 12.94 -21.07 -7.60
CA HIS B 96 13.26 -22.16 -6.71
C HIS B 96 14.70 -22.08 -6.37
N TRP B 97 15.05 -22.53 -5.15
CA TRP B 97 16.44 -22.55 -4.66
C TRP B 97 16.60 -23.70 -3.70
N GLY B 98 17.88 -23.86 -3.31
CA GLY B 98 18.23 -25.01 -2.46
C GLY B 98 18.88 -24.54 -1.19
N SER B 99 19.19 -25.58 -0.41
N SER B 99 19.15 -25.50 -0.28
CA SER B 99 19.68 -25.32 0.92
CA SER B 99 19.75 -25.08 1.01
C SER B 99 21.11 -24.86 0.97
C SER B 99 21.16 -24.51 0.85
N THR B 100 21.91 -25.03 -0.12
CA THR B 100 23.25 -24.45 -0.31
C THR B 100 23.35 -23.91 -1.74
N ASN B 101 24.43 -23.23 -2.09
CA ASN B 101 24.55 -22.82 -3.50
C ASN B 101 24.75 -24.02 -4.45
N GLU B 102 25.05 -25.22 -3.99
CA GLU B 102 25.50 -26.34 -4.90
C GLU B 102 24.28 -27.03 -5.51
N HIS B 103 23.11 -26.51 -5.16
CA HIS B 103 21.92 -27.16 -5.65
C HIS B 103 20.83 -26.21 -5.43
N GLY B 104 19.81 -26.32 -6.17
CA GLY B 104 18.67 -25.47 -5.95
C GLY B 104 17.79 -25.39 -7.13
N SER B 105 18.38 -25.63 -8.34
CA SER B 105 17.51 -25.68 -9.51
C SER B 105 16.64 -26.89 -9.46
N GLU B 106 15.61 -26.85 -10.30
CA GLU B 106 14.67 -27.99 -10.45
C GLU B 106 15.11 -28.82 -11.63
N HIS B 107 15.15 -28.19 -12.81
CA HIS B 107 15.74 -28.91 -13.96
C HIS B 107 17.25 -29.04 -13.79
N THR B 108 17.77 -30.10 -14.41
CA THR B 108 19.23 -30.26 -14.50
C THR B 108 19.55 -30.43 -15.96
N VAL B 109 20.82 -30.18 -16.33
CA VAL B 109 21.31 -30.37 -17.77
C VAL B 109 22.53 -31.31 -17.67
N ASP B 110 22.42 -32.45 -18.34
CA ASP B 110 23.47 -33.51 -18.30
C ASP B 110 23.86 -33.77 -16.88
N GLY B 111 22.89 -33.84 -16.00
CA GLY B 111 23.10 -34.19 -14.59
C GLY B 111 23.56 -33.04 -13.72
N VAL B 112 23.89 -31.88 -14.27
CA VAL B 112 24.45 -30.73 -13.54
C VAL B 112 23.25 -29.93 -12.90
N LYS B 113 23.29 -29.80 -11.55
N LYS B 113 23.27 -29.70 -11.61
CA LYS B 113 22.46 -28.89 -10.75
CA LYS B 113 22.21 -29.00 -10.98
C LYS B 113 22.98 -27.47 -10.84
C LYS B 113 22.80 -27.64 -10.66
N TYR B 114 22.05 -26.54 -10.91
CA TYR B 114 22.40 -25.15 -10.71
C TYR B 114 21.95 -24.63 -9.42
N SER B 115 22.27 -23.40 -9.12
CA SER B 115 21.96 -22.90 -7.78
C SER B 115 20.52 -22.50 -7.55
N ALA B 116 19.79 -22.16 -8.63
CA ALA B 116 18.42 -21.68 -8.48
C ALA B 116 17.79 -21.78 -9.87
N GLU B 117 16.53 -21.49 -9.93
CA GLU B 117 15.77 -21.51 -11.19
C GLU B 117 14.67 -20.50 -11.17
N LEU B 118 14.48 -19.76 -12.23
CA LEU B 118 13.39 -18.83 -12.42
C LEU B 118 12.37 -19.46 -13.24
N HIS B 119 11.12 -19.35 -12.88
CA HIS B 119 9.96 -19.83 -13.63
C HIS B 119 9.08 -18.70 -13.93
N VAL B 120 8.75 -18.51 -15.23
CA VAL B 120 7.81 -17.45 -15.70
C VAL B 120 6.66 -18.16 -16.33
N ALA B 121 5.48 -18.08 -15.72
CA ALA B 121 4.32 -18.94 -16.02
C ALA B 121 3.22 -18.21 -16.72
N HIS B 122 2.62 -18.94 -17.66
CA HIS B 122 1.60 -18.37 -18.58
C HIS B 122 0.52 -19.34 -18.77
N TRP B 123 -0.71 -18.90 -19.16
CA TRP B 123 -1.80 -19.81 -19.39
C TRP B 123 -2.48 -19.53 -20.74
N ASN B 124 -3.10 -20.62 -21.21
CA ASN B 124 -3.62 -20.58 -22.59
C ASN B 124 -5.00 -19.87 -22.69
N SER B 125 -4.95 -18.58 -22.84
CA SER B 125 -6.12 -17.75 -22.83
C SER B 125 -6.68 -17.75 -24.26
N ALA B 126 -6.01 -18.31 -25.27
CA ALA B 126 -6.66 -18.51 -26.61
C ALA B 126 -7.71 -19.62 -26.46
N LYS B 127 -7.52 -20.61 -25.57
CA LYS B 127 -8.36 -21.78 -25.46
C LYS B 127 -9.25 -21.90 -24.28
N TYR B 128 -8.80 -21.39 -23.16
CA TYR B 128 -9.51 -21.63 -21.95
C TYR B 128 -10.04 -20.30 -21.44
N SER B 129 -10.96 -20.45 -20.45
CA SER B 129 -11.74 -19.39 -19.85
C SER B 129 -10.98 -18.62 -18.83
N SER B 130 -10.21 -19.33 -17.98
CA SER B 130 -9.52 -18.70 -16.92
C SER B 130 -8.25 -19.49 -16.65
N LEU B 131 -7.36 -18.87 -15.92
CA LEU B 131 -6.24 -19.67 -15.32
C LEU B 131 -6.68 -20.84 -14.52
N ALA B 132 -7.76 -20.72 -13.74
CA ALA B 132 -8.23 -21.83 -12.87
C ALA B 132 -8.65 -23.03 -13.69
N GLU B 133 -9.25 -22.81 -14.80
CA GLU B 133 -9.70 -23.83 -15.73
C GLU B 133 -8.40 -24.43 -16.40
N ALA B 134 -7.56 -23.54 -16.94
CA ALA B 134 -6.40 -23.95 -17.77
C ALA B 134 -5.48 -24.79 -16.95
N ALA B 135 -5.43 -24.62 -15.62
CA ALA B 135 -4.35 -25.19 -14.81
C ALA B 135 -4.35 -26.73 -14.87
N SER B 136 -5.51 -27.34 -15.20
CA SER B 136 -5.57 -28.82 -15.15
C SER B 136 -5.59 -29.37 -16.58
N LYS B 137 -5.45 -28.53 -17.63
CA LYS B 137 -5.62 -29.01 -19.02
C LYS B 137 -4.20 -29.32 -19.57
N ALA B 138 -4.02 -30.34 -20.42
CA ALA B 138 -2.67 -30.74 -20.88
C ALA B 138 -1.99 -29.59 -21.55
N ASP B 139 -2.70 -28.79 -22.29
CA ASP B 139 -2.18 -27.63 -23.02
C ASP B 139 -2.48 -26.26 -22.31
N GLY B 140 -2.74 -26.38 -21.02
CA GLY B 140 -3.21 -25.18 -20.27
C GLY B 140 -2.15 -24.13 -19.93
N LEU B 141 -0.90 -24.61 -19.65
CA LEU B 141 0.10 -23.71 -19.08
C LEU B 141 1.37 -23.86 -19.85
N ALA B 142 2.10 -22.79 -19.84
CA ALA B 142 3.45 -22.73 -20.44
C ALA B 142 4.37 -22.03 -19.48
N VAL B 143 5.49 -22.66 -19.07
CA VAL B 143 6.39 -22.07 -18.09
C VAL B 143 7.77 -22.02 -18.70
N ILE B 144 8.33 -20.84 -18.68
CA ILE B 144 9.72 -20.70 -19.09
C ILE B 144 10.59 -20.92 -17.86
N GLY B 145 11.58 -21.80 -17.93
CA GLY B 145 12.57 -21.98 -16.87
C GLY B 145 13.89 -21.47 -17.26
N VAL B 146 14.58 -20.78 -16.36
CA VAL B 146 15.92 -20.22 -16.57
C VAL B 146 16.76 -20.71 -15.45
N LEU B 147 17.83 -21.43 -15.73
CA LEU B 147 18.78 -21.90 -14.73
C LEU B 147 19.63 -20.71 -14.28
N MET B 148 19.84 -20.65 -12.95
CA MET B 148 20.63 -19.59 -12.36
C MET B 148 21.91 -20.12 -11.74
N LYS B 149 23.04 -19.60 -12.18
CA LYS B 149 24.36 -20.04 -11.81
C LYS B 149 24.99 -19.05 -10.80
N VAL B 150 25.36 -19.64 -9.67
CA VAL B 150 25.93 -18.70 -8.68
C VAL B 150 27.23 -18.06 -9.15
N GLY B 151 27.39 -16.80 -8.92
CA GLY B 151 28.52 -16.04 -9.46
C GLY B 151 28.33 -14.58 -9.17
N GLU B 152 28.44 -13.72 -10.14
CA GLU B 152 28.27 -12.29 -9.95
C GLU B 152 26.85 -11.98 -9.53
N ALA B 153 26.68 -10.95 -8.74
CA ALA B 153 25.32 -10.46 -8.40
C ALA B 153 24.62 -10.07 -9.67
N ASN B 154 23.30 -10.35 -9.77
CA ASN B 154 22.53 -10.00 -10.92
C ASN B 154 21.73 -8.77 -10.62
N PRO B 155 22.02 -7.62 -11.20
CA PRO B 155 21.32 -6.43 -10.87
C PRO B 155 19.87 -6.45 -11.27
N LYS B 156 19.49 -7.30 -12.18
CA LYS B 156 18.09 -7.35 -12.62
C LYS B 156 17.20 -7.89 -11.58
N LEU B 157 17.72 -8.58 -10.58
CA LEU B 157 16.91 -9.08 -9.49
C LEU B 157 16.61 -8.02 -8.46
N GLN B 158 17.16 -6.82 -8.58
CA GLN B 158 17.01 -5.86 -7.43
C GLN B 158 15.63 -5.47 -7.02
N LYS B 159 14.69 -5.23 -7.92
CA LYS B 159 13.40 -4.82 -7.48
C LYS B 159 12.80 -5.94 -6.72
N VAL B 160 12.95 -7.21 -7.17
CA VAL B 160 12.37 -8.29 -6.51
C VAL B 160 12.96 -8.46 -5.14
N LEU B 161 14.29 -8.38 -5.05
CA LEU B 161 14.93 -8.65 -3.75
C LEU B 161 14.56 -7.50 -2.76
N ASP B 162 14.48 -6.27 -3.23
CA ASP B 162 14.14 -5.12 -2.40
C ASP B 162 12.73 -5.24 -1.90
N ALA B 163 11.86 -5.97 -2.57
CA ALA B 163 10.44 -6.12 -2.18
C ALA B 163 10.31 -7.14 -1.12
N LEU B 164 11.23 -8.02 -0.88
CA LEU B 164 11.01 -9.09 0.05
C LEU B 164 10.78 -8.63 1.49
N GLN B 165 11.37 -7.49 1.85
CA GLN B 165 11.26 -7.07 3.26
C GLN B 165 9.82 -6.83 3.57
N ALA B 166 8.96 -6.56 2.60
CA ALA B 166 7.52 -6.32 2.85
C ALA B 166 6.72 -7.57 2.93
N ILE B 167 7.29 -8.75 2.68
CA ILE B 167 6.46 -9.96 2.62
C ILE B 167 7.15 -11.05 3.32
N LYS B 168 7.71 -10.72 4.54
CA LYS B 168 8.58 -11.64 5.18
C LYS B 168 8.13 -12.99 5.59
N THR B 169 6.81 -12.89 5.97
CA THR B 169 6.15 -14.06 6.57
C THR B 169 4.93 -14.57 5.68
N LYS B 170 4.56 -15.78 5.99
CA LYS B 170 3.51 -16.49 5.19
C LYS B 170 2.26 -15.68 5.11
N GLY B 171 1.77 -15.52 3.90
CA GLY B 171 0.53 -14.81 3.64
C GLY B 171 0.60 -13.35 3.47
N LYS B 172 1.80 -12.72 3.81
CA LYS B 172 1.94 -11.36 3.56
C LYS B 172 1.97 -11.07 2.04
N ARG B 173 1.45 -9.98 1.61
CA ARG B 173 1.39 -9.51 0.22
C ARG B 173 1.59 -8.05 0.10
N ALA B 174 2.10 -7.56 -0.99
CA ALA B 174 2.25 -6.16 -1.25
C ALA B 174 2.11 -5.81 -2.70
N PRO B 175 1.82 -4.61 -3.11
CA PRO B 175 1.77 -4.22 -4.47
C PRO B 175 3.19 -4.35 -5.04
N PHE B 176 3.27 -4.74 -6.32
CA PHE B 176 4.57 -4.90 -7.06
C PHE B 176 4.21 -4.50 -8.46
N THR B 177 4.61 -3.30 -8.85
CA THR B 177 4.09 -2.74 -10.06
C THR B 177 5.22 -2.28 -10.98
N ASN B 178 4.82 -2.04 -12.20
CA ASN B 178 5.76 -1.50 -13.18
C ASN B 178 7.08 -2.30 -13.31
N PHE B 179 6.85 -3.52 -13.79
CA PHE B 179 7.98 -4.45 -13.90
C PHE B 179 7.72 -5.39 -15.06
N ASP B 180 8.73 -5.50 -15.96
CA ASP B 180 8.62 -6.38 -17.11
C ASP B 180 9.60 -7.56 -16.84
N PRO B 181 9.13 -8.75 -16.57
CA PRO B 181 10.01 -9.82 -16.19
C PRO B 181 10.83 -10.46 -17.36
N SER B 182 10.58 -9.97 -18.56
CA SER B 182 11.47 -10.44 -19.68
C SER B 182 12.83 -9.85 -19.42
N THR B 183 13.01 -8.85 -18.55
CA THR B 183 14.32 -8.33 -18.20
C THR B 183 15.13 -9.37 -17.44
N LEU B 184 14.49 -10.41 -16.88
CA LEU B 184 15.21 -11.40 -16.12
C LEU B 184 15.72 -12.58 -17.00
N LEU B 185 15.21 -12.61 -18.25
CA LEU B 185 15.59 -13.74 -19.16
C LEU B 185 16.99 -13.49 -19.69
N PRO B 186 17.62 -14.59 -20.13
CA PRO B 186 18.93 -14.41 -20.77
C PRO B 186 18.78 -13.76 -22.16
N SER B 187 19.94 -13.30 -22.64
N SER B 187 19.93 -13.28 -22.66
CA SER B 187 20.01 -12.58 -23.91
CA SER B 187 19.98 -12.58 -23.97
C SER B 187 19.42 -13.33 -25.09
C SER B 187 19.36 -13.37 -25.13
N SER B 188 19.76 -14.63 -25.20
CA SER B 188 19.24 -15.51 -26.23
C SER B 188 18.15 -16.39 -25.63
N LEU B 189 17.09 -16.59 -26.38
CA LEU B 189 15.99 -17.46 -25.98
C LEU B 189 16.00 -18.85 -26.65
N ASP B 190 17.19 -19.26 -26.97
CA ASP B 190 17.27 -20.68 -27.43
C ASP B 190 16.74 -21.62 -26.30
N PHE B 191 16.05 -22.66 -26.61
CA PHE B 191 15.41 -23.45 -25.62
C PHE B 191 15.24 -24.92 -25.84
N TRP B 192 15.03 -25.70 -24.86
CA TRP B 192 14.48 -27.03 -24.90
C TRP B 192 13.05 -27.04 -24.57
N THR B 193 12.26 -27.97 -25.02
CA THR B 193 10.87 -28.06 -24.58
C THR B 193 10.47 -29.45 -24.36
N TYR B 194 9.63 -29.78 -23.45
CA TYR B 194 9.07 -31.08 -23.27
C TYR B 194 7.74 -30.97 -22.52
N PRO B 195 6.83 -31.92 -22.61
CA PRO B 195 5.57 -31.88 -21.88
C PRO B 195 5.72 -32.36 -20.49
N GLY B 196 5.25 -31.55 -19.49
CA GLY B 196 5.42 -31.96 -18.15
C GLY B 196 4.34 -31.37 -17.24
N SER B 197 4.77 -31.04 -16.03
CA SER B 197 3.79 -30.85 -14.95
C SER B 197 4.20 -29.65 -14.14
N LEU B 198 3.23 -29.17 -13.29
CA LEU B 198 3.62 -28.34 -12.15
C LEU B 198 4.62 -29.13 -11.31
N THR B 199 5.61 -28.43 -10.70
CA THR B 199 6.66 -29.07 -9.94
C THR B 199 6.34 -29.21 -8.44
N HIS B 200 5.14 -28.82 -8.01
CA HIS B 200 4.73 -29.08 -6.65
C HIS B 200 3.25 -29.33 -6.73
N PRO B 201 2.67 -29.83 -5.59
CA PRO B 201 1.25 -30.10 -5.61
C PRO B 201 0.47 -28.82 -6.03
N PRO B 202 -0.57 -28.97 -6.89
CA PRO B 202 -1.23 -30.26 -7.22
C PRO B 202 -0.60 -31.13 -8.30
N LEU B 203 0.58 -30.67 -8.79
CA LEU B 203 1.37 -31.56 -9.79
C LEU B 203 0.63 -31.87 -11.08
N TYR B 204 -0.32 -31.05 -11.50
CA TYR B 204 -1.04 -31.30 -12.71
C TYR B 204 -0.09 -31.40 -13.91
N GLU B 205 -0.35 -32.37 -14.78
CA GLU B 205 0.41 -32.50 -16.01
C GLU B 205 -0.10 -31.63 -17.12
N SER B 206 0.01 -30.32 -16.91
CA SER B 206 -0.58 -29.32 -17.71
C SER B 206 0.38 -28.27 -18.28
N VAL B 207 1.71 -28.62 -18.15
CA VAL B 207 2.73 -27.57 -18.44
C VAL B 207 3.57 -27.96 -19.67
N THR B 208 3.56 -27.09 -20.62
CA THR B 208 4.63 -27.14 -21.64
C THR B 208 5.83 -26.34 -21.10
N TRP B 209 6.90 -27.08 -20.89
CA TRP B 209 8.13 -26.41 -20.37
C TRP B 209 8.95 -25.84 -21.46
N ILE B 210 9.50 -24.69 -21.27
CA ILE B 210 10.40 -23.99 -22.22
C ILE B 210 11.62 -23.72 -21.38
N ILE B 211 12.66 -24.53 -21.47
CA ILE B 211 13.86 -24.37 -20.62
C ILE B 211 14.90 -23.63 -21.42
N CYS B 212 15.37 -22.49 -21.01
CA CYS B 212 16.38 -21.73 -21.76
C CYS B 212 17.74 -22.50 -21.72
N LYS B 213 18.44 -22.44 -22.89
CA LYS B 213 19.74 -23.05 -22.93
C LYS B 213 20.75 -22.19 -22.21
N GLU B 214 20.54 -20.88 -22.18
CA GLU B 214 21.46 -19.93 -21.51
C GLU B 214 21.04 -19.67 -20.08
N SER B 215 22.01 -19.65 -19.19
CA SER B 215 21.68 -19.39 -17.74
C SER B 215 21.78 -17.91 -17.49
N ILE B 216 21.36 -17.50 -16.27
CA ILE B 216 21.59 -16.11 -15.78
C ILE B 216 22.33 -16.26 -14.46
N SER B 217 23.01 -15.21 -14.01
N SER B 217 22.89 -15.12 -14.03
CA SER B 217 23.76 -15.30 -12.74
CA SER B 217 23.63 -15.08 -12.77
C SER B 217 22.90 -14.89 -11.54
C SER B 217 22.78 -14.88 -11.49
N VAL B 218 23.46 -15.23 -10.37
CA VAL B 218 22.90 -14.78 -9.04
C VAL B 218 24.07 -14.86 -8.12
N SER B 219 24.11 -13.96 -7.13
CA SER B 219 25.20 -14.10 -6.19
C SER B 219 24.82 -14.92 -4.98
N SER B 220 25.84 -15.33 -4.23
N SER B 220 25.81 -15.35 -4.21
CA SER B 220 25.65 -16.12 -3.03
CA SER B 220 25.55 -16.07 -2.96
C SER B 220 24.78 -15.33 -1.97
C SER B 220 24.66 -15.21 -2.04
N GLU B 221 24.93 -13.97 -1.95
CA GLU B 221 24.16 -13.11 -1.02
C GLU B 221 22.78 -12.96 -1.56
N GLN B 222 22.51 -12.92 -2.85
CA GLN B 222 21.15 -12.82 -3.32
C GLN B 222 20.43 -14.12 -3.04
N LEU B 223 21.04 -15.27 -3.15
CA LEU B 223 20.44 -16.51 -2.71
C LEU B 223 20.05 -16.48 -1.24
N ALA B 224 20.97 -15.96 -0.42
CA ALA B 224 20.70 -15.97 1.02
C ALA B 224 19.53 -15.05 1.20
N GLN B 225 19.25 -14.03 0.44
CA GLN B 225 18.03 -13.21 0.62
C GLN B 225 16.79 -14.05 0.37
N PHE B 226 16.77 -14.92 -0.64
CA PHE B 226 15.59 -15.80 -0.81
C PHE B 226 15.45 -16.68 0.40
N ARG B 227 16.54 -17.27 0.89
N ARG B 227 16.52 -17.30 0.88
CA ARG B 227 16.45 -18.17 2.04
CA ARG B 227 16.44 -18.18 2.05
C ARG B 227 16.02 -17.47 3.32
C ARG B 227 16.08 -17.50 3.36
N SER B 228 16.17 -16.18 3.41
CA SER B 228 15.83 -15.45 4.62
C SER B 228 14.34 -15.22 4.67
N LEU B 229 13.59 -15.48 3.59
CA LEU B 229 12.09 -15.34 3.67
C LEU B 229 11.68 -16.42 4.69
N LEU B 230 10.53 -16.14 5.33
CA LEU B 230 10.10 -16.99 6.40
C LEU B 230 8.80 -17.79 6.01
N SER B 231 8.79 -19.04 6.41
CA SER B 231 7.61 -19.92 6.06
C SER B 231 6.53 -19.84 7.12
N ASN B 232 6.86 -19.36 8.30
CA ASN B 232 5.85 -19.23 9.36
C ASN B 232 5.06 -18.03 9.15
N VAL B 233 3.92 -17.96 9.91
CA VAL B 233 3.14 -16.76 9.98
C VAL B 233 3.67 -15.75 11.01
N GLU B 234 3.30 -14.52 10.81
CA GLU B 234 3.75 -13.37 11.66
C GLU B 234 3.51 -13.72 13.15
N GLY B 235 4.54 -13.55 13.93
CA GLY B 235 4.44 -13.75 15.42
C GLY B 235 4.92 -15.05 15.83
N ASP B 236 4.88 -16.09 15.00
CA ASP B 236 5.45 -17.33 15.32
C ASP B 236 7.01 -17.31 15.27
N ASN B 237 7.69 -18.26 15.82
CA ASN B 237 9.16 -18.35 15.69
C ASN B 237 9.49 -18.38 14.19
N ALA B 238 10.53 -17.62 13.86
CA ALA B 238 10.96 -17.56 12.46
C ALA B 238 11.57 -18.84 11.94
N VAL B 239 11.05 -19.36 10.79
CA VAL B 239 11.55 -20.53 10.19
C VAL B 239 11.89 -20.18 8.72
N PRO B 240 13.19 -20.09 8.42
CA PRO B 240 13.60 -19.65 7.03
C PRO B 240 13.15 -20.68 6.01
N MET B 241 12.88 -20.14 4.81
CA MET B 241 12.56 -20.97 3.62
C MET B 241 13.86 -21.50 2.99
N GLN B 242 14.37 -22.60 3.42
CA GLN B 242 15.69 -23.04 3.07
C GLN B 242 15.78 -23.60 1.65
N HIS B 243 14.72 -24.23 1.17
CA HIS B 243 14.76 -24.85 -0.13
C HIS B 243 13.41 -25.16 -0.59
N ASN B 244 13.21 -25.22 -1.92
CA ASN B 244 11.88 -25.48 -2.52
C ASN B 244 12.01 -26.09 -3.91
N ASN B 245 12.99 -26.93 -4.08
CA ASN B 245 13.17 -27.60 -5.40
C ASN B 245 12.83 -29.05 -5.32
N ARG B 246 12.03 -29.50 -6.29
CA ARG B 246 11.68 -30.93 -6.39
C ARG B 246 12.81 -31.72 -7.11
N PRO B 247 13.12 -32.98 -6.72
CA PRO B 247 14.03 -33.81 -7.49
C PRO B 247 13.57 -33.98 -8.92
N THR B 248 14.53 -34.28 -9.80
CA THR B 248 14.08 -34.64 -11.17
C THR B 248 13.37 -36.00 -11.20
N GLN B 249 12.48 -36.08 -12.14
CA GLN B 249 11.56 -37.19 -12.30
C GLN B 249 11.87 -37.95 -13.59
N PRO B 250 11.39 -39.21 -13.68
CA PRO B 250 11.71 -39.99 -14.87
C PRO B 250 11.07 -39.46 -16.12
N LEU B 251 11.79 -39.51 -17.26
CA LEU B 251 11.22 -39.05 -18.47
C LEU B 251 10.07 -39.91 -19.00
N LYS B 252 10.15 -41.25 -18.71
CA LYS B 252 9.06 -42.12 -19.14
C LYS B 252 8.78 -42.04 -20.64
N GLY B 253 9.77 -42.03 -21.47
CA GLY B 253 9.45 -42.09 -22.91
C GLY B 253 9.33 -40.74 -23.54
N ARG B 254 9.21 -39.65 -22.72
CA ARG B 254 9.12 -38.36 -23.38
C ARG B 254 10.42 -37.95 -24.07
N THR B 255 10.24 -37.08 -25.02
CA THR B 255 11.36 -36.56 -25.80
C THR B 255 11.52 -35.07 -25.46
N VAL B 256 12.78 -34.69 -25.22
CA VAL B 256 13.09 -33.25 -25.08
C VAL B 256 13.43 -32.70 -26.42
N ARG B 257 12.76 -31.68 -26.92
CA ARG B 257 13.04 -31.11 -28.22
C ARG B 257 13.96 -29.98 -28.05
N ALA B 258 14.92 -29.70 -28.91
CA ALA B 258 15.81 -28.55 -28.92
C ALA B 258 15.52 -27.58 -30.00
N SER B 259 15.46 -26.26 -29.75
CA SER B 259 15.31 -25.27 -30.74
C SER B 259 16.61 -25.17 -31.60
N PHE B 260 16.51 -24.41 -32.68
CA PHE B 260 17.70 -24.44 -33.67
C PHE B 260 19.00 -23.96 -33.07
ZN ZN C . -10.71 20.01 14.48
F20 V14 D . -15.86 20.47 13.51
F20 V14 D . -15.56 21.19 13.19
C5 V14 D . -15.58 20.15 14.79
C5 V14 D . -15.81 20.18 14.05
C4 V14 D . -14.39 19.38 14.98
C4 V14 D . -14.94 19.08 14.24
S7 V14 D . -13.38 18.80 13.61
S7 V14 D . -13.38 18.86 13.34
O9 V14 D . -13.35 19.84 12.58
O9 V14 D . -13.09 20.04 12.45
N10 V14 D . -11.90 18.47 14.25
N10 V14 D . -12.08 18.80 14.41
O8 V14 D . -13.90 17.44 13.19
O8 V14 D . -13.33 17.66 12.41
C3 V14 D . -14.12 19.07 16.32
C3 V14 D . -15.26 18.10 15.16
F12 V14 D . -13.06 18.34 16.69
F12 V14 D . -14.48 17.02 15.36
C2 V14 D . -14.90 19.47 17.35
C2 V14 D . -16.41 18.21 15.91
F13 V14 D . -14.48 19.07 18.59
F13 V14 D . -16.65 17.17 16.75
C6 V14 D . -16.37 20.60 15.86
C6 V14 D . -16.99 20.30 14.78
C1 V14 D . -16.02 20.27 17.17
C1 V14 D . -17.31 19.29 15.74
S11 V14 D . -16.96 20.64 18.64
S11 V14 D . -18.78 19.33 16.81
O16 V14 D . -18.11 21.58 18.24
O16 V14 D . -19.86 18.51 16.10
O17 V14 D . -15.97 21.37 19.56
O17 V14 D . -19.45 20.74 16.83
C15 V14 D . -17.66 19.21 19.54
C15 V14 D . -18.72 18.84 18.57
C18 V14 D . -18.80 18.46 18.87
C18 V14 D . -17.47 19.43 19.20
O21 V14 D . -19.01 18.85 17.53
O21 V14 D . -17.65 20.77 19.60
N19 V14 D . -17.56 21.37 15.63
N19 V14 D . -17.76 21.49 14.48
C14 V14 D . -18.53 21.08 14.56
C14 V14 D . -18.98 21.64 13.69
C28 V14 D . -18.92 19.57 14.49
C28 V14 D . -19.59 20.34 13.07
C27 V14 D . -20.11 19.42 13.54
C27 V14 D . -21.12 20.43 12.86
C26 V14 D . -21.29 18.67 14.20
C26 V14 D . -21.92 19.40 13.65
C25 V14 D . -22.49 19.62 14.40
C25 V14 D . -22.56 19.92 14.94
C24 V14 D . -22.04 21.03 14.78
C24 V14 D . -21.82 21.12 15.52
C23 V14 D . -20.97 21.56 13.81
C23 V14 D . -21.43 22.09 14.39
C22 V14 D . -19.76 22.02 14.64
C22 V14 D . -19.95 22.48 14.53
C ACT E . -25.80 16.99 14.82
O ACT E . -24.99 16.72 15.78
OXT ACT E . -26.43 16.04 14.33
CH3 ACT E . -25.97 18.40 14.23
ZN ZN F . 8.21 -23.17 -10.20
F20 V14 G . 3.55 -21.98 -11.21
C5 V14 G . 3.30 -22.92 -10.29
C4 V14 G . 4.16 -24.02 -10.18
S7 V14 G . 5.63 -24.39 -11.20
O9 V14 G . 5.76 -23.24 -12.09
N10 V14 G . 6.88 -24.49 -10.26
O8 V14 G . 5.31 -25.71 -11.84
C3 V14 G . 3.76 -25.06 -9.31
F12 V14 G . 4.43 -26.22 -9.20
C2 V14 G . 2.68 -24.93 -8.52
F13 V14 G . 2.33 -25.94 -7.70
C6 V14 G . 2.24 -22.73 -9.41
C1 V14 G . 1.88 -23.78 -8.59
S11 V14 G . 0.61 -23.67 -7.34
O16 V14 G . -0.63 -24.43 -7.84
O17 V14 G . 0.51 -22.09 -7.02
C15 V14 G . 1.32 -24.02 -5.68
C18 V14 G . 2.28 -22.81 -5.68
O21 V14 G . 2.19 -22.29 -4.40
N19 V14 G . 1.37 -21.62 -9.50
C14 V14 G . 0.21 -21.58 -10.38
C28 V14 G . -0.16 -22.89 -11.12
C27 V14 G . -1.56 -23.07 -11.69
C26 V14 G . -2.37 -23.99 -10.75
C25 V14 G . -3.41 -23.31 -9.84
C24 V14 G . -2.93 -22.07 -9.07
C23 V14 G . -2.38 -20.97 -9.98
C22 V14 G . -0.89 -20.74 -9.65
C1 PEG H . 3.52 0.27 -20.10
O1 PEG H . 2.09 0.04 -20.21
C2 PEG H . 3.87 1.63 -19.52
O2 PEG H . 4.26 1.56 -18.14
C3 PEG H . 3.31 2.09 -17.18
C4 PEG H . 3.72 1.66 -15.75
O4 PEG H . 4.38 0.37 -15.80
C1 PEG I . 21.76 -3.00 -8.56
O1 PEG I . 20.75 -2.59 -9.57
C2 PEG I . 21.71 -4.43 -7.94
O2 PEG I . 22.99 -4.87 -7.43
C3 PEG I . 23.64 -6.05 -7.96
C4 PEG I . 24.66 -5.75 -9.06
O4 PEG I . 26.07 -5.80 -8.68
#